data_5FE2
#
_entry.id   5FE2
#
_cell.length_a   99.450
_cell.length_b   99.450
_cell.length_c   100.510
_cell.angle_alpha   90.00
_cell.angle_beta   90.00
_cell.angle_gamma   120.00
#
_symmetry.space_group_name_H-M   'H 3'
#
loop_
_entity.id
_entity.type
_entity.pdbx_description
1 polymer 'Histone acetyltransferase KAT2B'
2 non-polymer 2-methyl-3~{H}-isoindol-1-one
3 non-polymer 1,2-ETHANEDIOL
4 water water
#
_entity_poly.entity_id   1
_entity_poly.type   'polypeptide(L)'
_entity_poly.pdbx_seq_one_letter_code
;SMGKEKSKEPRDPDQLYSTLKSILQQVKSHQSAWPFMEPVKRTEAPGYYEVIRFPMDLKTMSERLKNRYYVSKKLFMADL
QRVFTNCKEYNPPESEYYKCANILEKFFFSKIKEAGLID
;
_entity_poly.pdbx_strand_id   A,B
#
loop_
_chem_comp.id
_chem_comp.type
_chem_comp.name
_chem_comp.formula
5WV non-polymer 2-methyl-3~{H}-isoindol-1-one 'C9 H9 N O'
EDO non-polymer 1,2-ETHANEDIOL 'C2 H6 O2'
#
# COMPACT_ATOMS: atom_id res chain seq x y z
N PRO A 13 20.58 12.06 -10.49
CA PRO A 13 21.66 11.07 -10.37
C PRO A 13 22.23 10.93 -8.92
N ASP A 14 23.17 11.79 -8.53
CA ASP A 14 23.64 11.87 -7.13
C ASP A 14 22.72 12.73 -6.27
N GLN A 15 21.98 13.65 -6.88
CA GLN A 15 20.90 14.35 -6.16
CA GLN A 15 20.89 14.35 -6.20
C GLN A 15 19.77 13.38 -5.77
N LEU A 16 19.47 12.42 -6.64
CA LEU A 16 18.48 11.40 -6.31
C LEU A 16 18.96 10.59 -5.11
N TYR A 17 20.18 10.09 -5.21
CA TYR A 17 20.81 9.33 -4.15
C TYR A 17 20.74 10.05 -2.78
N SER A 18 21.18 11.31 -2.75
CA SER A 18 21.22 12.12 -1.51
C SER A 18 19.80 12.34 -0.93
N THR A 19 18.83 12.63 -1.80
CA THR A 19 17.41 12.76 -1.38
C THR A 19 16.88 11.46 -0.79
N LEU A 20 17.11 10.34 -1.47
CA LEU A 20 16.68 9.03 -0.97
C LEU A 20 17.33 8.61 0.35
N LYS A 21 18.64 8.81 0.44
CA LYS A 21 19.39 8.53 1.64
C LYS A 21 18.88 9.32 2.83
N SER A 22 18.55 10.59 2.60
CA SER A 22 18.00 11.47 3.64
C SER A 22 16.63 10.98 4.07
N ILE A 23 15.77 10.69 3.09
CA ILE A 23 14.44 10.17 3.38
C ILE A 23 14.53 8.84 4.14
N LEU A 24 15.33 7.91 3.65
CA LEU A 24 15.47 6.62 4.28
C LEU A 24 16.02 6.70 5.71
N GLN A 25 16.98 7.59 5.92
CA GLN A 25 17.51 7.82 7.25
C GLN A 25 16.52 8.36 8.23
N GLN A 26 15.74 9.34 7.79
CA GLN A 26 14.69 9.88 8.65
C GLN A 26 13.64 8.81 9.00
N VAL A 27 13.28 8.00 8.03
CA VAL A 27 12.33 6.89 8.30
C VAL A 27 12.89 5.90 9.38
N LYS A 28 14.16 5.50 9.20
CA LYS A 28 14.84 4.58 10.13
C LYS A 28 15.03 5.14 11.52
N SER A 29 15.12 6.47 11.63
CA SER A 29 15.25 7.14 12.94
C SER A 29 13.94 7.33 13.66
N HIS A 30 12.83 7.21 12.93
CA HIS A 30 11.51 7.44 13.48
C HIS A 30 11.21 6.38 14.56
N GLN A 31 10.48 6.81 15.56
CA GLN A 31 10.12 6.02 16.74
C GLN A 31 9.26 4.77 16.44
N SER A 32 8.51 4.80 15.35
CA SER A 32 7.67 3.70 14.89
C SER A 32 8.35 2.80 13.82
N ALA A 33 9.63 3.01 13.56
CA ALA A 33 10.36 2.22 12.57
C ALA A 33 10.90 0.93 13.10
N TRP A 34 10.89 0.77 14.41
CA TRP A 34 11.58 -0.37 15.07
C TRP A 34 11.12 -1.77 14.58
N PRO A 35 9.82 -1.95 14.22
CA PRO A 35 9.45 -3.29 13.71
C PRO A 35 10.00 -3.66 12.33
N PHE A 36 10.48 -2.67 11.57
CA PHE A 36 10.84 -2.83 10.17
C PHE A 36 12.33 -2.75 9.89
N MET A 37 13.11 -2.68 10.95
CA MET A 37 14.54 -2.43 10.80
C MET A 37 15.30 -3.60 10.22
N GLU A 38 14.78 -4.81 10.35
CA GLU A 38 15.44 -6.00 9.78
C GLU A 38 14.47 -7.03 9.23
N PRO A 39 14.95 -7.95 8.36
CA PRO A 39 14.10 -9.04 7.86
C PRO A 39 13.29 -9.78 8.97
N VAL A 40 12.01 -9.96 8.70
CA VAL A 40 11.13 -10.81 9.53
C VAL A 40 11.74 -12.20 9.71
N LYS A 41 11.73 -12.71 10.95
CA LYS A 41 12.26 -14.05 11.22
C LYS A 41 11.14 -15.10 11.16
N ARG A 42 11.35 -16.16 10.37
CA ARG A 42 10.42 -17.31 10.26
C ARG A 42 10.07 -17.89 11.63
N THR A 43 11.11 -18.02 12.43
CA THR A 43 11.06 -18.32 13.84
C THR A 43 9.93 -17.62 14.61
N GLU A 44 9.78 -16.31 14.43
CA GLU A 44 8.74 -15.52 15.15
C GLU A 44 7.45 -15.30 14.39
N ALA A 45 7.30 -15.76 13.15
CA ALA A 45 6.08 -15.42 12.38
C ALA A 45 5.48 -16.58 11.58
N PRO A 46 4.63 -17.42 12.21
CA PRO A 46 4.00 -18.60 11.58
C PRO A 46 3.35 -18.33 10.21
N GLY A 47 3.87 -18.96 9.16
CA GLY A 47 3.30 -18.86 7.84
C GLY A 47 3.44 -17.52 7.13
N TYR A 48 4.41 -16.70 7.58
CA TYR A 48 4.71 -15.40 6.96
C TYR A 48 5.18 -15.60 5.51
N TYR A 49 6.22 -16.40 5.29
CA TYR A 49 6.85 -16.51 3.96
C TYR A 49 6.08 -17.34 2.94
N GLU A 50 5.00 -18.01 3.37
CA GLU A 50 4.05 -18.63 2.43
C GLU A 50 3.14 -17.53 1.89
N VAL A 51 2.74 -16.59 2.77
CA VAL A 51 1.75 -15.56 2.39
C VAL A 51 2.40 -14.29 1.83
N ILE A 52 3.51 -13.84 2.41
CA ILE A 52 4.19 -12.63 1.97
C ILE A 52 5.28 -13.01 0.95
N ARG A 53 5.04 -12.68 -0.30
CA ARG A 53 5.88 -13.17 -1.40
C ARG A 53 7.08 -12.25 -1.73
N PHE A 54 6.94 -10.97 -1.41
CA PHE A 54 8.02 -10.00 -1.56
C PHE A 54 8.32 -9.30 -0.21
N PRO A 55 9.01 -10.01 0.72
CA PRO A 55 9.36 -9.41 2.00
C PRO A 55 10.31 -8.22 1.80
N MET A 56 10.20 -7.21 2.64
CA MET A 56 11.07 -6.05 2.59
C MET A 56 11.24 -5.47 3.97
N ASP A 57 12.38 -4.81 4.20
CA ASP A 57 12.71 -4.19 5.46
C ASP A 57 13.72 -3.09 5.22
N LEU A 58 13.94 -2.27 6.23
CA LEU A 58 14.74 -1.05 6.08
C LEU A 58 16.25 -1.31 6.01
N LYS A 59 16.69 -2.43 6.58
CA LYS A 59 18.08 -2.87 6.40
C LYS A 59 18.37 -3.28 4.95
N THR A 60 17.50 -4.08 4.36
CA THR A 60 17.64 -4.44 2.93
C THR A 60 17.58 -3.19 2.04
N MET A 61 16.73 -2.24 2.39
CA MET A 61 16.61 -1.00 1.61
C MET A 61 17.88 -0.17 1.67
N SER A 62 18.49 -0.08 2.86
CA SER A 62 19.79 0.60 3.05
C SER A 62 20.86 -0.01 2.17
N GLU A 63 20.86 -1.35 2.11
CA GLU A 63 21.78 -2.05 1.24
C GLU A 63 21.54 -1.75 -0.22
N ARG A 64 20.29 -1.88 -0.65
CA ARG A 64 19.92 -1.58 -2.03
C ARG A 64 20.31 -0.18 -2.41
N LEU A 65 20.06 0.77 -1.53
CA LEU A 65 20.48 2.14 -1.75
C LEU A 65 22.00 2.27 -1.93
N LYS A 66 22.74 1.77 -0.95
CA LYS A 66 24.22 1.71 -1.00
C LYS A 66 24.71 1.03 -2.27
N ASN A 67 24.03 -0.04 -2.68
CA ASN A 67 24.35 -0.73 -3.95
C ASN A 67 23.87 -0.01 -5.24
N ARG A 68 23.32 1.19 -5.11
CA ARG A 68 22.90 1.99 -6.26
C ARG A 68 21.76 1.33 -7.08
N TYR A 69 20.91 0.57 -6.41
CA TYR A 69 19.71 -0.05 -7.01
C TYR A 69 18.62 0.99 -7.29
N TYR A 70 18.50 2.00 -6.44
CA TYR A 70 17.42 2.98 -6.57
C TYR A 70 17.72 4.05 -7.60
N VAL A 71 17.73 3.65 -8.88
CA VAL A 71 17.96 4.59 -10.02
C VAL A 71 16.75 5.48 -10.37
N SER A 72 15.58 5.16 -9.80
CA SER A 72 14.34 5.95 -9.97
C SER A 72 13.61 6.09 -8.65
N LYS A 73 12.75 7.09 -8.59
CA LYS A 73 11.94 7.30 -7.41
C LYS A 73 10.93 6.15 -7.22
N LYS A 74 10.39 5.62 -8.32
CA LYS A 74 9.43 4.53 -8.30
C LYS A 74 9.92 3.25 -7.62
N LEU A 75 11.18 2.89 -7.87
CA LEU A 75 11.75 1.67 -7.28
C LEU A 75 11.88 1.80 -5.77
N PHE A 76 12.34 2.97 -5.32
CA PHE A 76 12.40 3.28 -3.88
C PHE A 76 11.04 3.23 -3.19
N MET A 77 10.06 3.94 -3.76
CA MET A 77 8.68 3.97 -3.22
C MET A 77 8.01 2.64 -3.24
N ALA A 78 8.26 1.80 -4.26
CA ALA A 78 7.66 0.48 -4.26
C ALA A 78 8.14 -0.34 -3.08
N ASP A 79 9.45 -0.31 -2.85
CA ASP A 79 10.08 -1.07 -1.73
C ASP A 79 9.55 -0.63 -0.38
N LEU A 80 9.54 0.67 -0.15
CA LEU A 80 9.11 1.18 1.15
C LEU A 80 7.62 1.01 1.37
N GLN A 81 6.87 1.13 0.30
CA GLN A 81 5.45 0.87 0.38
C GLN A 81 5.19 -0.60 0.73
N ARG A 82 5.97 -1.49 0.12
CA ARG A 82 5.85 -2.90 0.39
C ARG A 82 6.10 -3.26 1.87
N VAL A 83 6.97 -2.51 2.53
CA VAL A 83 7.22 -2.73 3.94
C VAL A 83 5.91 -2.58 4.74
N PHE A 84 5.20 -1.51 4.43
CA PHE A 84 3.92 -1.25 5.10
C PHE A 84 2.82 -2.19 4.73
N THR A 85 2.70 -2.53 3.47
CA THR A 85 1.59 -3.37 3.02
C THR A 85 1.75 -4.81 3.47
N ASN A 86 2.98 -5.33 3.43
CA ASN A 86 3.28 -6.64 3.99
C ASN A 86 2.82 -6.71 5.45
N CYS A 87 3.21 -5.71 6.21
CA CYS A 87 2.89 -5.69 7.63
C CYS A 87 1.37 -5.70 7.84
N LYS A 88 0.65 -4.91 7.05
CA LYS A 88 -0.81 -4.77 7.24
C LYS A 88 -1.59 -5.96 6.76
N GLU A 89 -1.10 -6.65 5.74
CA GLU A 89 -1.67 -7.91 5.39
C GLU A 89 -1.47 -9.00 6.46
N TYR A 90 -0.26 -9.08 7.01
CA TYR A 90 0.10 -10.14 7.91
C TYR A 90 -0.51 -9.95 9.32
N ASN A 91 -0.39 -8.75 9.88
CA ASN A 91 -0.76 -8.54 11.28
C ASN A 91 -2.25 -8.08 11.51
N PRO A 92 -2.81 -8.42 12.69
CA PRO A 92 -4.12 -7.92 13.09
C PRO A 92 -4.16 -6.39 13.14
N PRO A 93 -5.33 -5.79 12.80
CA PRO A 93 -5.41 -4.35 12.52
C PRO A 93 -5.13 -3.42 13.72
N GLU A 94 -5.37 -3.95 14.93
CA GLU A 94 -5.09 -3.23 16.17
C GLU A 94 -3.81 -3.71 16.83
N SER A 95 -3.04 -4.53 16.13
CA SER A 95 -1.68 -4.90 16.61
C SER A 95 -0.83 -3.65 16.59
N GLU A 96 0.15 -3.60 17.49
CA GLU A 96 1.18 -2.57 17.54
C GLU A 96 1.94 -2.45 16.23
N TYR A 97 2.23 -3.57 15.57
CA TYR A 97 2.91 -3.54 14.28
C TYR A 97 2.09 -2.81 13.23
N TYR A 98 0.80 -3.13 13.14
CA TYR A 98 -0.10 -2.47 12.21
C TYR A 98 -0.22 -0.97 12.48
N LYS A 99 -0.34 -0.58 13.75
CA LYS A 99 -0.31 0.84 14.14
C LYS A 99 0.97 1.58 13.73
N CYS A 100 2.14 0.95 13.97
CA CYS A 100 3.43 1.50 13.53
C CYS A 100 3.52 1.67 12.03
N ALA A 101 3.06 0.68 11.27
CA ALA A 101 3.05 0.78 9.83
C ALA A 101 2.33 2.02 9.35
N ASN A 102 1.16 2.29 9.91
CA ASN A 102 0.35 3.42 9.43
C ASN A 102 0.89 4.77 9.84
N ILE A 103 1.43 4.86 11.08
CA ILE A 103 2.11 6.05 11.55
C ILE A 103 3.30 6.35 10.64
N LEU A 104 4.13 5.36 10.41
CA LEU A 104 5.36 5.55 9.62
C LEU A 104 5.06 5.75 8.13
N GLU A 105 4.04 5.05 7.62
CA GLU A 105 3.53 5.35 6.30
C GLU A 105 3.07 6.80 6.13
N LYS A 106 2.36 7.34 7.12
CA LYS A 106 2.00 8.78 7.07
C LYS A 106 3.25 9.62 6.97
N PHE A 107 4.21 9.34 7.85
CA PHE A 107 5.50 10.05 7.84
C PHE A 107 6.19 9.94 6.49
N PHE A 108 6.31 8.73 5.99
CA PHE A 108 6.83 8.46 4.62
C PHE A 108 6.20 9.35 3.50
N PHE A 109 4.87 9.35 3.39
CA PHE A 109 4.17 10.17 2.38
C PHE A 109 4.41 11.65 2.56
N SER A 110 4.44 12.10 3.81
CA SER A 110 4.83 13.45 4.14
C SER A 110 6.22 13.83 3.58
N LYS A 111 7.21 12.99 3.81
CA LYS A 111 8.61 13.25 3.37
C LYS A 111 8.78 13.20 1.85
N ILE A 112 8.15 12.22 1.18
CA ILE A 112 8.26 12.16 -0.29
C ILE A 112 7.59 13.37 -0.95
N LYS A 113 6.49 13.88 -0.36
CA LYS A 113 5.85 15.11 -0.85
C LYS A 113 6.72 16.34 -0.59
N GLU A 114 7.20 16.47 0.63
CA GLU A 114 8.15 17.54 0.98
C GLU A 114 9.31 17.68 0.00
N ALA A 115 9.82 16.55 -0.50
CA ALA A 115 10.99 16.53 -1.42
C ALA A 115 10.63 16.63 -2.92
N GLY A 116 9.34 16.75 -3.24
CA GLY A 116 8.86 16.75 -4.64
C GLY A 116 9.14 15.48 -5.44
N LEU A 117 9.28 14.35 -4.75
CA LEU A 117 9.27 13.04 -5.40
C LEU A 117 7.88 12.65 -5.92
N ILE A 118 6.82 13.23 -5.36
CA ILE A 118 5.48 13.15 -6.01
C ILE A 118 5.25 14.48 -6.74
N ASP A 119 5.64 14.51 -8.03
CA ASP A 119 5.64 15.75 -8.86
C ASP A 119 4.46 15.77 -9.84
N PRO B 13 -10.24 -21.38 -9.55
CA PRO B 13 -10.85 -20.95 -10.83
C PRO B 13 -12.20 -20.18 -10.65
N ASP B 14 -13.32 -20.89 -10.51
CA ASP B 14 -14.60 -20.27 -10.14
C ASP B 14 -14.74 -20.07 -8.65
N GLN B 15 -14.03 -20.87 -7.85
CA GLN B 15 -13.92 -20.58 -6.42
C GLN B 15 -13.19 -19.25 -6.19
N LEU B 16 -12.14 -18.96 -6.98
CA LEU B 16 -11.43 -17.68 -6.87
C LEU B 16 -12.42 -16.54 -7.16
N TYR B 17 -13.11 -16.67 -8.28
CA TYR B 17 -14.10 -15.70 -8.69
C TYR B 17 -15.13 -15.37 -7.59
N SER B 18 -15.75 -16.40 -7.01
CA SER B 18 -16.76 -16.21 -5.98
C SER B 18 -16.20 -15.55 -4.76
N THR B 19 -15.02 -15.99 -4.35
CA THR B 19 -14.36 -15.40 -3.19
C THR B 19 -14.08 -13.91 -3.42
N LEU B 20 -13.49 -13.57 -4.57
CA LEU B 20 -13.18 -12.16 -4.90
C LEU B 20 -14.42 -11.28 -5.01
N LYS B 21 -15.47 -11.80 -5.65
CA LYS B 21 -16.75 -11.13 -5.75
C LYS B 21 -17.35 -10.83 -4.39
N SER B 22 -17.26 -11.80 -3.48
CA SER B 22 -17.78 -11.64 -2.11
C SER B 22 -16.96 -10.58 -1.37
N ILE B 23 -15.66 -10.69 -1.44
CA ILE B 23 -14.78 -9.71 -0.82
C ILE B 23 -15.05 -8.31 -1.38
N LEU B 24 -15.08 -8.18 -2.70
CA LEU B 24 -15.26 -6.88 -3.34
C LEU B 24 -16.61 -6.26 -3.00
N GLN B 25 -17.64 -7.08 -2.95
CA GLN B 25 -18.96 -6.60 -2.57
C GLN B 25 -19.03 -6.10 -1.12
N GLN B 26 -18.38 -6.80 -0.23
CA GLN B 26 -18.33 -6.35 1.16
C GLN B 26 -17.57 -5.01 1.30
N VAL B 27 -16.46 -4.89 0.60
CA VAL B 27 -15.68 -3.63 0.57
C VAL B 27 -16.53 -2.44 0.07
N LYS B 28 -17.24 -2.66 -1.02
CA LYS B 28 -18.16 -1.67 -1.58
C LYS B 28 -19.32 -1.28 -0.70
N SER B 29 -19.80 -2.20 0.14
CA SER B 29 -20.91 -1.92 1.05
C SER B 29 -20.45 -1.24 2.35
N HIS B 30 -19.16 -1.23 2.61
CA HIS B 30 -18.61 -0.63 3.81
C HIS B 30 -18.85 0.92 3.80
N GLN B 31 -19.06 1.45 4.99
CA GLN B 31 -19.40 2.84 5.24
C GLN B 31 -18.29 3.85 4.83
N SER B 32 -17.04 3.40 4.83
CA SER B 32 -15.88 4.19 4.40
C SER B 32 -15.49 4.01 2.91
N ALA B 33 -16.31 3.28 2.14
CA ALA B 33 -16.00 3.01 0.76
C ALA B 33 -16.45 4.10 -0.17
N TRP B 34 -17.27 5.00 0.34
CA TRP B 34 -17.97 5.96 -0.51
C TRP B 34 -17.03 6.85 -1.38
N PRO B 35 -15.81 7.20 -0.88
CA PRO B 35 -14.93 7.98 -1.79
C PRO B 35 -14.39 7.23 -3.02
N PHE B 36 -14.46 5.89 -3.01
CA PHE B 36 -13.75 5.04 -3.95
C PHE B 36 -14.65 4.29 -4.90
N MET B 37 -15.93 4.64 -4.87
CA MET B 37 -16.92 3.87 -5.63
C MET B 37 -16.79 4.05 -7.12
N GLU B 38 -16.35 5.20 -7.56
CA GLU B 38 -16.32 5.47 -8.98
C GLU B 38 -15.08 6.26 -9.32
N PRO B 39 -14.69 6.28 -10.62
CA PRO B 39 -13.58 7.10 -11.03
C PRO B 39 -13.69 8.50 -10.44
N VAL B 40 -12.60 8.95 -9.85
CA VAL B 40 -12.54 10.32 -9.32
C VAL B 40 -13.02 11.34 -10.36
N LYS B 41 -13.86 12.27 -9.95
CA LYS B 41 -14.42 13.29 -10.87
C LYS B 41 -13.51 14.54 -10.87
N ARG B 42 -13.12 14.98 -12.06
CA ARG B 42 -12.30 16.24 -12.26
C ARG B 42 -12.98 17.46 -11.58
N THR B 43 -14.28 17.52 -11.73
CA THR B 43 -15.17 18.41 -10.99
C THR B 43 -14.87 18.53 -9.47
N GLU B 44 -14.67 17.42 -8.78
CA GLU B 44 -14.34 17.45 -7.35
C GLU B 44 -12.84 17.64 -7.10
N ALA B 45 -12.04 17.30 -8.10
CA ALA B 45 -10.57 17.30 -8.01
C ALA B 45 -9.94 17.69 -9.37
N PRO B 46 -10.04 18.97 -9.76
CA PRO B 46 -9.65 19.47 -11.10
C PRO B 46 -8.29 18.99 -11.70
N GLY B 47 -7.20 18.95 -10.92
CA GLY B 47 -5.87 18.45 -11.47
C GLY B 47 -5.50 17.00 -11.10
N TYR B 48 -6.49 16.21 -10.69
CA TYR B 48 -6.21 14.84 -10.19
C TYR B 48 -5.47 13.96 -11.21
N TYR B 49 -5.97 13.98 -12.43
CA TYR B 49 -5.43 13.12 -13.49
C TYR B 49 -4.09 13.61 -14.05
N GLU B 50 -3.62 14.80 -13.63
CA GLU B 50 -2.24 15.27 -13.91
C GLU B 50 -1.27 14.76 -12.84
N VAL B 51 -1.78 14.44 -11.65
CA VAL B 51 -0.99 13.92 -10.56
C VAL B 51 -0.99 12.38 -10.54
N ILE B 52 -2.17 11.78 -10.58
CA ILE B 52 -2.31 10.34 -10.44
C ILE B 52 -2.32 9.67 -11.81
N ARG B 53 -1.30 8.84 -12.04
CA ARG B 53 -1.06 8.24 -13.35
C ARG B 53 -1.77 6.93 -13.60
N PHE B 54 -1.99 6.17 -12.53
CA PHE B 54 -2.71 4.89 -12.58
C PHE B 54 -3.97 4.95 -11.68
N PRO B 55 -5.00 5.71 -12.10
CA PRO B 55 -6.25 5.75 -11.31
C PRO B 55 -6.92 4.37 -11.18
N MET B 56 -7.58 4.13 -10.05
CA MET B 56 -8.37 2.91 -9.83
C MET B 56 -9.51 3.23 -8.87
N ASP B 57 -10.59 2.50 -9.01
CA ASP B 57 -11.78 2.67 -8.19
C ASP B 57 -12.55 1.36 -8.18
N LEU B 58 -13.51 1.27 -7.29
CA LEU B 58 -14.24 0.00 -7.05
C LEU B 58 -15.19 -0.38 -8.20
N LYS B 59 -15.69 0.62 -8.92
CA LYS B 59 -16.49 0.34 -10.08
C LYS B 59 -15.66 -0.33 -11.19
N THR B 60 -14.49 0.22 -11.48
CA THR B 60 -13.59 -0.37 -12.45
C THR B 60 -13.19 -1.76 -12.03
N MET B 61 -12.99 -1.96 -10.73
CA MET B 61 -12.67 -3.30 -10.21
C MET B 61 -13.81 -4.31 -10.40
N SER B 62 -15.05 -3.89 -10.16
CA SER B 62 -16.25 -4.71 -10.41
C SER B 62 -16.32 -5.16 -11.86
N GLU B 63 -16.00 -4.25 -12.77
CA GLU B 63 -15.97 -4.56 -14.19
C GLU B 63 -14.89 -5.53 -14.55
N ARG B 64 -13.68 -5.26 -14.08
CA ARG B 64 -12.56 -6.17 -14.27
C ARG B 64 -12.86 -7.56 -13.78
N LEU B 65 -13.46 -7.63 -12.60
CA LEU B 65 -13.89 -8.90 -12.05
C LEU B 65 -14.88 -9.59 -13.00
N LYS B 66 -15.97 -8.90 -13.33
CA LYS B 66 -16.97 -9.41 -14.29
C LYS B 66 -16.34 -9.85 -15.60
N ASN B 67 -15.37 -9.08 -16.11
CA ASN B 67 -14.59 -9.45 -17.30
C ASN B 67 -13.52 -10.55 -17.10
N ARG B 68 -13.48 -11.16 -15.92
CA ARG B 68 -12.58 -12.29 -15.64
C ARG B 68 -11.06 -11.93 -15.72
N TYR B 69 -10.75 -10.68 -15.39
CA TYR B 69 -9.38 -10.21 -15.32
C TYR B 69 -8.64 -10.76 -14.10
N TYR B 70 -9.33 -10.94 -12.97
CA TYR B 70 -8.65 -11.34 -11.73
C TYR B 70 -8.39 -12.86 -11.66
N VAL B 71 -7.47 -13.34 -12.49
CA VAL B 71 -7.08 -14.77 -12.50
C VAL B 71 -6.18 -15.20 -11.33
N SER B 72 -5.65 -14.22 -10.58
CA SER B 72 -4.81 -14.46 -9.39
C SER B 72 -5.16 -13.49 -8.27
N LYS B 73 -4.76 -13.87 -7.05
CA LYS B 73 -4.96 -13.03 -5.88
C LYS B 73 -4.16 -11.72 -6.03
N LYS B 74 -2.94 -11.82 -6.53
CA LYS B 74 -2.05 -10.67 -6.64
C LYS B 74 -2.56 -9.56 -7.56
N LEU B 75 -3.26 -9.91 -8.64
CA LEU B 75 -3.85 -8.89 -9.53
C LEU B 75 -4.96 -8.11 -8.82
N PHE B 76 -5.81 -8.84 -8.10
CA PHE B 76 -6.88 -8.22 -7.32
C PHE B 76 -6.31 -7.28 -6.25
N MET B 77 -5.32 -7.77 -5.51
CA MET B 77 -4.67 -7.00 -4.46
C MET B 77 -3.97 -5.75 -5.01
N ALA B 78 -3.35 -5.86 -6.17
CA ALA B 78 -2.63 -4.71 -6.72
C ALA B 78 -3.62 -3.57 -7.01
N ASP B 79 -4.77 -3.93 -7.61
CA ASP B 79 -5.79 -2.97 -7.96
C ASP B 79 -6.38 -2.28 -6.74
N LEU B 80 -6.77 -3.07 -5.76
CA LEU B 80 -7.34 -2.51 -4.54
C LEU B 80 -6.35 -1.71 -3.73
N GLN B 81 -5.12 -2.18 -3.70
CA GLN B 81 -4.09 -1.45 -3.02
C GLN B 81 -3.79 -0.10 -3.75
N ARG B 82 -3.81 -0.09 -5.06
CA ARG B 82 -3.64 1.16 -5.85
C ARG B 82 -4.72 2.20 -5.51
N VAL B 83 -5.93 1.74 -5.19
CA VAL B 83 -6.99 2.64 -4.76
C VAL B 83 -6.49 3.41 -3.50
N PHE B 84 -5.90 2.67 -2.55
CA PHE B 84 -5.46 3.27 -1.28
C PHE B 84 -4.25 4.14 -1.43
N THR B 85 -3.30 3.73 -2.27
CA THR B 85 -2.08 4.48 -2.46
C THR B 85 -2.32 5.77 -3.26
N ASN B 86 -3.16 5.73 -4.28
CA ASN B 86 -3.57 6.97 -4.99
C ASN B 86 -4.16 7.99 -4.03
N CYS B 87 -5.04 7.51 -3.17
CA CYS B 87 -5.65 8.36 -2.20
C CYS B 87 -4.64 8.99 -1.24
N LYS B 88 -3.68 8.20 -0.78
CA LYS B 88 -2.65 8.71 0.15
C LYS B 88 -1.59 9.57 -0.52
N GLU B 89 -1.30 9.33 -1.80
CA GLU B 89 -0.50 10.25 -2.62
C GLU B 89 -1.20 11.61 -2.84
N TYR B 90 -2.48 11.57 -3.13
CA TYR B 90 -3.17 12.77 -3.47
C TYR B 90 -3.53 13.64 -2.27
N ASN B 91 -3.98 13.02 -1.19
CA ASN B 91 -4.62 13.71 -0.08
C ASN B 91 -3.74 13.87 1.16
N PRO B 92 -3.97 15.00 1.89
CA PRO B 92 -3.35 15.19 3.20
C PRO B 92 -3.71 14.06 4.19
N PRO B 93 -2.76 13.71 5.09
CA PRO B 93 -2.90 12.59 6.05
C PRO B 93 -4.11 12.63 7.02
N GLU B 94 -4.59 13.83 7.36
CA GLU B 94 -5.74 13.99 8.25
C GLU B 94 -7.01 14.38 7.47
N SER B 95 -6.96 14.33 6.14
CA SER B 95 -8.17 14.46 5.35
C SER B 95 -9.08 13.26 5.63
N GLU B 96 -10.38 13.48 5.51
CA GLU B 96 -11.37 12.41 5.56
C GLU B 96 -11.09 11.29 4.54
N TYR B 97 -10.68 11.65 3.34
CA TYR B 97 -10.38 10.64 2.29
C TYR B 97 -9.25 9.71 2.71
N TYR B 98 -8.15 10.29 3.24
CA TYR B 98 -7.06 9.49 3.77
C TYR B 98 -7.53 8.57 4.93
N LYS B 99 -8.34 9.09 5.86
CA LYS B 99 -8.87 8.29 6.97
C LYS B 99 -9.73 7.11 6.49
N CYS B 100 -10.62 7.36 5.52
CA CYS B 100 -11.42 6.32 4.91
C CYS B 100 -10.53 5.23 4.27
N ALA B 101 -9.49 5.63 3.55
CA ALA B 101 -8.59 4.67 2.93
C ALA B 101 -8.03 3.67 3.94
N ASN B 102 -7.60 4.18 5.11
CA ASN B 102 -6.95 3.30 6.10
C ASN B 102 -7.97 2.41 6.84
N ILE B 103 -9.15 2.97 7.10
CA ILE B 103 -10.25 2.20 7.69
C ILE B 103 -10.67 1.03 6.76
N LEU B 104 -10.88 1.36 5.50
CA LEU B 104 -11.27 0.37 4.53
C LEU B 104 -10.18 -0.61 4.19
N GLU B 105 -8.93 -0.15 4.16
CA GLU B 105 -7.81 -1.06 4.04
C GLU B 105 -7.75 -2.08 5.17
N LYS B 106 -7.97 -1.65 6.41
CA LYS B 106 -8.02 -2.59 7.51
C LYS B 106 -9.10 -3.63 7.27
N PHE B 107 -10.29 -3.17 6.94
CA PHE B 107 -11.41 -4.05 6.62
C PHE B 107 -11.04 -5.04 5.48
N PHE B 108 -10.52 -4.53 4.39
CA PHE B 108 -9.99 -5.33 3.28
C PHE B 108 -9.10 -6.50 3.73
N PHE B 109 -8.07 -6.18 4.50
CA PHE B 109 -7.14 -7.23 4.93
C PHE B 109 -7.81 -8.25 5.85
N SER B 110 -8.74 -7.80 6.70
CA SER B 110 -9.59 -8.70 7.51
C SER B 110 -10.28 -9.73 6.66
N LYS B 111 -10.90 -9.25 5.58
CA LYS B 111 -11.67 -10.12 4.69
C LYS B 111 -10.81 -11.08 3.87
N ILE B 112 -9.68 -10.62 3.37
CA ILE B 112 -8.64 -11.48 2.72
C ILE B 112 -8.18 -12.63 3.66
N LYS B 113 -7.96 -12.32 4.91
CA LYS B 113 -7.52 -13.31 5.90
C LYS B 113 -8.67 -14.28 6.26
N GLU B 114 -9.87 -13.74 6.53
CA GLU B 114 -11.08 -14.56 6.71
C GLU B 114 -11.26 -15.66 5.67
N ALA B 115 -10.95 -15.30 4.43
CA ALA B 115 -11.16 -16.19 3.28
C ALA B 115 -9.99 -17.11 2.98
N GLY B 116 -8.89 -17.00 3.72
CA GLY B 116 -7.68 -17.79 3.47
C GLY B 116 -7.08 -17.65 2.08
N LEU B 117 -7.32 -16.53 1.39
CA LEU B 117 -6.88 -16.38 -0.01
C LEU B 117 -5.33 -16.24 -0.18
N ILE B 118 -4.72 -17.12 -1.00
CA ILE B 118 -3.25 -17.30 -1.06
C ILE B 118 -2.57 -17.22 -2.47
N ASP B 119 -3.19 -17.76 -3.53
CA ASP B 119 -2.56 -17.82 -4.89
C ASP B 119 -3.62 -17.81 -6.03
OAB 5WV C . 5.07 -7.98 10.44
CAH 5WV C . 6.06 -8.01 11.16
CAJ 5WV C . 6.35 -9.00 12.02
CAF 5WV C . 5.67 -10.14 12.31
CAD 5WV C . 6.18 -11.03 13.27
CAC 5WV C . 7.37 -10.71 13.94
CAE 5WV C . 8.03 -9.51 13.61
CAI 5WV C . 7.50 -8.69 12.67
CAG 5WV C . 7.97 -7.46 12.19
NAK 5WV C . 6.96 -7.04 11.21
CAA 5WV C . 6.98 -5.80 10.44
C1 EDO D . 20.80 4.71 4.33
O1 EDO D . 20.64 3.71 5.33
C2 EDO D . 20.74 6.12 4.93
O2 EDO D . 20.25 6.07 6.28
OAB 5WV E . -8.84 10.99 -3.43
CAH 5WV E . -9.98 11.33 -3.76
CAJ 5WV E . -10.42 12.61 -3.94
CAF 5WV E . -9.80 13.80 -3.84
CAD 5WV E . -10.49 15.02 -4.06
CAC 5WV E . -11.85 14.97 -4.39
CAE 5WV E . -12.47 13.72 -4.47
CAI 5WV E . -11.76 12.58 -4.25
CAG 5WV E . -12.16 11.23 -4.29
NAK 5WV E . -10.92 10.45 -3.90
CAA 5WV E . -10.83 8.98 -3.78
C1 EDO F . -14.98 2.22 11.55
C1 EDO F . -15.79 2.88 10.38
O1 EDO F . -15.47 0.96 11.06
O1 EDO F . -16.13 3.62 9.19
C2 EDO F . -14.39 2.07 12.96
C2 EDO F . -15.24 3.83 11.45
O2 EDO F . -13.76 3.30 13.35
O2 EDO F . -13.99 3.31 11.94
C1 EDO G . -9.58 10.97 -17.73
O1 EDO G . -10.64 10.04 -17.50
C2 EDO G . -10.10 12.39 -17.49
O2 EDO G . -9.02 13.32 -17.52
C1 EDO H . -17.53 -18.25 -1.73
O1 EDO H . -18.80 -18.93 -1.77
C2 EDO H . -17.56 -17.03 -0.81
O2 EDO H . -18.89 -16.62 -0.47
#